data_4H17
#
_entry.id   4H17
#
_cell.length_a   49.169
_cell.length_b   49.348
_cell.length_c   156.593
_cell.angle_alpha   90.000
_cell.angle_beta   90.000
_cell.angle_gamma   90.000
#
_symmetry.space_group_name_H-M   'P 21 21 21'
#
loop_
_entity.id
_entity.type
_entity.pdbx_description
1 polymer 'Hydrolase, isochorismatase family'
2 non-polymer 'SULFATE ION'
3 non-polymer 1,2-ETHANEDIOL
4 water water
#
_entity_poly.entity_id   1
_entity_poly.type   'polypeptide(L)'
_entity_poly.pdbx_seq_one_letter_code
;G(MSE)SVPTT(MSE)FRLTGRDYPPAKLSHASLIIIDAQKEYLSGPLKLSG(MSE)DEAVANIARLLDAARKSGRPIIH
VRHLGTVGGRFDPQGPAGQFIPGLEPLEGEIVIEKR(MSE)PNAFKNTKLHETLQELGHLDLIVCGF(MSE)SHSSVSTT
VRRAKDYGYRCTLVEDASATRDLAFKDGVIPAAQIHQCE(MSE)AV(MSE)ADNFACVAPTASLI
;
_entity_poly.pdbx_strand_id   A,B
#
# COMPACT_ATOMS: atom_id res chain seq x y z
N GLY A 1 -7.41 14.50 -29.36
CA GLY A 1 -7.61 14.65 -27.90
C GLY A 1 -6.28 14.63 -27.14
N SER A 3 -3.46 13.27 -24.65
CA SER A 3 -2.90 12.02 -24.11
C SER A 3 -2.74 12.08 -22.61
N VAL A 4 -3.10 10.98 -21.95
CA VAL A 4 -3.07 10.86 -20.49
C VAL A 4 -2.56 9.47 -20.13
N PRO A 5 -2.14 9.32 -18.87
CA PRO A 5 -1.74 8.01 -18.40
C PRO A 5 -2.85 6.97 -18.55
N THR A 6 -2.44 5.73 -18.72
CA THR A 6 -3.33 4.57 -18.79
C THR A 6 -3.20 3.85 -17.49
N THR A 7 -4.29 3.31 -16.96
CA THR A 7 -4.19 2.61 -15.68
C THR A 7 -3.57 1.27 -15.98
N PHE A 9 -4.71 -1.38 -14.86
CA PHE A 9 -5.90 -2.15 -15.19
C PHE A 9 -6.18 -2.17 -16.71
N ARG A 10 -6.24 -1.00 -17.32
CA ARG A 10 -6.61 -0.93 -18.73
C ARG A 10 -5.48 -1.43 -19.62
N LEU A 11 -4.25 -1.18 -19.21
CA LEU A 11 -3.08 -1.65 -19.96
C LEU A 11 -3.03 -3.16 -20.07
N THR A 12 -3.43 -3.86 -19.02
CA THR A 12 -3.36 -5.34 -18.94
C THR A 12 -4.69 -6.04 -19.28
N GLY A 13 -5.73 -5.24 -19.48
CA GLY A 13 -7.07 -5.70 -19.78
C GLY A 13 -7.76 -6.33 -18.58
N ARG A 14 -7.36 -5.91 -17.37
CA ARG A 14 -7.86 -6.49 -16.12
C ARG A 14 -8.86 -5.56 -15.41
N ASP A 15 -9.20 -4.46 -16.06
CA ASP A 15 -10.23 -3.57 -15.52
C ASP A 15 -11.55 -4.33 -15.32
N TYR A 16 -12.17 -4.16 -14.15
CA TYR A 16 -13.47 -4.75 -13.84
C TYR A 16 -14.44 -3.58 -13.59
N PRO A 17 -15.75 -3.83 -13.73
CA PRO A 17 -16.72 -2.80 -13.38
C PRO A 17 -16.79 -2.46 -11.89
N PRO A 18 -17.23 -1.24 -11.56
CA PRO A 18 -17.47 -0.97 -10.15
C PRO A 18 -18.55 -1.86 -9.57
N ALA A 19 -18.48 -2.03 -8.25
CA ALA A 19 -19.40 -2.93 -7.55
C ALA A 19 -20.79 -2.38 -7.63
N LYS A 20 -21.76 -3.28 -7.67
N LYS A 20 -21.76 -3.27 -7.66
CA LYS A 20 -23.16 -2.89 -7.45
CA LYS A 20 -23.15 -2.89 -7.42
C LYS A 20 -23.41 -3.29 -6.01
C LYS A 20 -23.40 -3.29 -5.99
N LEU A 21 -23.95 -2.37 -5.21
CA LEU A 21 -24.26 -2.65 -3.80
C LEU A 21 -25.06 -3.96 -3.65
N SER A 22 -25.97 -4.21 -4.60
CA SER A 22 -26.83 -5.38 -4.59
C SER A 22 -26.09 -6.70 -4.68
N HIS A 23 -24.84 -6.69 -5.15
CA HIS A 23 -24.04 -7.91 -5.22
C HIS A 23 -22.77 -7.83 -4.37
N ALA A 24 -22.74 -6.90 -3.43
CA ALA A 24 -21.49 -6.61 -2.71
C ALA A 24 -21.60 -6.86 -1.21
N SER A 25 -20.43 -6.97 -0.59
CA SER A 25 -20.28 -6.87 0.88
C SER A 25 -19.70 -5.47 1.18
N LEU A 26 -20.23 -4.80 2.21
CA LEU A 26 -19.78 -3.43 2.57
C LEU A 26 -18.85 -3.54 3.78
N ILE A 27 -17.68 -2.94 3.67
CA ILE A 27 -16.66 -2.91 4.73
C ILE A 27 -16.37 -1.48 5.15
N ILE A 28 -16.59 -1.19 6.45
CA ILE A 28 -16.33 0.14 6.99
C ILE A 28 -15.12 0.03 7.91
N ILE A 29 -14.05 0.69 7.53
CA ILE A 29 -12.76 0.58 8.24
C ILE A 29 -12.55 1.74 9.21
N ASP A 30 -12.52 1.41 10.50
CA ASP A 30 -12.00 2.29 11.53
C ASP A 30 -12.83 3.55 11.75
N ALA A 31 -14.16 3.43 11.73
CA ALA A 31 -15.00 4.63 11.91
C ALA A 31 -15.10 4.95 13.40
N GLN A 32 -13.97 5.43 13.94
CA GLN A 32 -13.78 5.61 15.38
C GLN A 32 -13.49 7.06 15.78
N LYS A 33 -13.78 7.36 17.05
CA LYS A 33 -13.72 8.75 17.54
C LYS A 33 -12.27 9.35 17.62
N GLU A 34 -11.25 8.49 17.66
CA GLU A 34 -9.85 8.88 17.60
C GLU A 34 -9.63 9.91 16.49
N TYR A 35 -10.34 9.75 15.39
CA TYR A 35 -10.10 10.56 14.20
C TYR A 35 -10.82 11.91 14.21
N LEU A 36 -11.58 12.21 15.28
CA LEU A 36 -12.38 13.45 15.30
C LEU A 36 -11.66 14.59 16.04
N SER A 37 -10.56 14.30 16.71
N SER A 37 -10.56 14.28 16.70
CA SER A 37 -9.84 15.28 17.47
CA SER A 37 -9.80 15.26 17.46
C SER A 37 -8.37 14.82 17.66
C SER A 37 -8.36 14.81 17.66
N GLY A 38 -7.53 15.68 18.23
CA GLY A 38 -6.10 15.37 18.47
C GLY A 38 -5.23 15.29 17.20
N PRO A 39 -4.02 14.72 17.33
CA PRO A 39 -3.07 14.63 16.22
C PRO A 39 -3.60 13.77 15.08
N LEU A 40 -4.53 12.86 15.34
CA LEU A 40 -5.08 12.01 14.27
C LEU A 40 -6.43 12.56 13.75
N LYS A 41 -6.73 13.83 14.06
CA LYS A 41 -7.95 14.42 13.53
C LYS A 41 -7.85 14.46 12.02
N LEU A 42 -8.85 13.92 11.31
CA LEU A 42 -8.78 13.80 9.85
C LEU A 42 -9.44 15.00 9.22
N SER A 43 -9.12 15.22 7.95
CA SER A 43 -9.68 16.36 7.22
C SER A 43 -10.89 15.94 6.42
N GLY A 44 -11.85 16.84 6.32
CA GLY A 44 -13.08 16.53 5.58
C GLY A 44 -13.91 15.44 6.24
N ASP A 46 -16.63 15.67 8.32
CA ASP A 46 -18.09 15.86 8.31
C ASP A 46 -18.73 15.13 7.12
N GLU A 47 -18.17 15.38 5.92
CA GLU A 47 -18.76 14.81 4.74
C GLU A 47 -18.44 13.35 4.55
N ALA A 48 -17.22 12.93 4.92
CA ALA A 48 -16.91 11.50 4.86
C ALA A 48 -17.81 10.68 5.76
N VAL A 49 -18.04 11.13 6.99
CA VAL A 49 -18.94 10.45 7.91
C VAL A 49 -20.38 10.45 7.40
N ALA A 50 -20.84 11.58 6.86
CA ALA A 50 -22.18 11.62 6.30
C ALA A 50 -22.31 10.59 5.16
N ASN A 51 -21.24 10.41 4.38
CA ASN A 51 -21.28 9.42 3.29
C ASN A 51 -21.23 7.97 3.76
N ILE A 52 -20.48 7.69 4.83
CA ILE A 52 -20.51 6.35 5.41
C ILE A 52 -21.95 6.07 5.90
N ALA A 53 -22.59 7.06 6.50
CA ALA A 53 -23.91 6.88 7.00
C ALA A 53 -24.88 6.59 5.85
N ARG A 54 -24.68 7.27 4.71
CA ARG A 54 -25.48 7.00 3.51
C ARG A 54 -25.27 5.58 3.02
N LEU A 55 -24.03 5.11 3.00
CA LEU A 55 -23.75 3.76 2.54
C LEU A 55 -24.37 2.77 3.48
N LEU A 56 -24.22 3.00 4.78
CA LEU A 56 -24.85 2.11 5.77
C LEU A 56 -26.35 2.03 5.64
N ASP A 57 -26.97 3.18 5.47
CA ASP A 57 -28.41 3.25 5.29
C ASP A 57 -28.82 2.39 4.11
N ALA A 58 -28.16 2.59 2.96
CA ALA A 58 -28.45 1.86 1.72
C ALA A 58 -28.21 0.38 1.83
N ALA A 59 -27.10 -0.01 2.43
CA ALA A 59 -26.82 -1.41 2.68
C ALA A 59 -27.86 -2.09 3.57
N ARG A 60 -28.31 -1.40 4.61
CA ARG A 60 -29.29 -1.94 5.51
C ARG A 60 -30.65 -2.06 4.83
N LYS A 61 -30.99 -1.06 4.02
CA LYS A 61 -32.29 -1.09 3.34
C LYS A 61 -32.35 -2.28 2.37
N SER A 62 -31.20 -2.63 1.81
CA SER A 62 -31.03 -3.63 0.77
C SER A 62 -30.66 -5.00 1.34
N GLY A 63 -30.46 -5.09 2.64
CA GLY A 63 -30.09 -6.38 3.27
C GLY A 63 -28.72 -6.93 2.95
N ARG A 64 -27.76 -6.06 2.71
CA ARG A 64 -26.40 -6.49 2.32
C ARG A 64 -25.55 -6.80 3.58
N PRO A 65 -24.53 -7.66 3.41
CA PRO A 65 -23.56 -7.94 4.48
C PRO A 65 -22.76 -6.72 4.77
N ILE A 66 -22.59 -6.44 6.07
CA ILE A 66 -21.87 -5.26 6.48
C ILE A 66 -20.84 -5.66 7.53
N ILE A 67 -19.61 -5.25 7.27
CA ILE A 67 -18.45 -5.57 8.15
C ILE A 67 -17.83 -4.28 8.67
N HIS A 68 -17.81 -4.13 9.98
CA HIS A 68 -17.17 -3.01 10.64
C HIS A 68 -15.82 -3.47 11.22
N VAL A 69 -14.78 -2.73 10.89
CA VAL A 69 -13.44 -2.97 11.41
C VAL A 69 -13.06 -1.85 12.38
N ARG A 70 -12.42 -2.19 13.51
CA ARG A 70 -11.84 -1.21 14.40
C ARG A 70 -10.46 -1.64 14.85
N HIS A 71 -9.68 -0.67 15.30
CA HIS A 71 -8.43 -0.92 15.97
C HIS A 71 -8.64 -1.65 17.27
N LEU A 72 -7.76 -2.59 17.56
CA LEU A 72 -7.67 -3.12 18.92
C LEU A 72 -7.30 -1.99 19.89
N GLY A 73 -6.41 -1.09 19.47
CA GLY A 73 -5.98 0.00 20.37
C GLY A 73 -5.19 -0.40 21.60
N THR A 74 -4.91 0.62 22.39
CA THR A 74 -4.15 0.48 23.60
C THR A 74 -4.92 1.17 24.74
N VAL A 75 -5.12 0.45 25.84
CA VAL A 75 -5.71 1.00 27.05
C VAL A 75 -4.84 2.18 27.48
N GLY A 76 -5.51 3.30 27.66
CA GLY A 76 -4.85 4.58 27.98
C GLY A 76 -4.12 5.26 26.84
N GLY A 77 -4.23 4.70 25.66
CA GLY A 77 -3.41 5.13 24.50
C GLY A 77 -4.26 5.46 23.31
N ARG A 78 -3.67 5.36 22.12
CA ARG A 78 -4.39 5.62 20.91
C ARG A 78 -5.46 4.56 20.64
N PHE A 79 -6.61 4.99 20.13
CA PHE A 79 -7.78 4.15 19.90
C PHE A 79 -8.15 3.37 21.16
N ASP A 80 -7.96 4.01 22.32
CA ASP A 80 -8.19 3.39 23.61
C ASP A 80 -9.54 2.66 23.69
N PRO A 81 -9.54 1.33 23.89
CA PRO A 81 -10.80 0.63 23.88
C PRO A 81 -11.59 0.79 25.17
N GLN A 82 -11.00 1.38 26.17
CA GLN A 82 -11.71 1.72 27.42
C GLN A 82 -11.97 3.23 27.52
N GLY A 83 -11.79 3.95 26.42
CA GLY A 83 -11.94 5.42 26.42
C GLY A 83 -12.68 5.86 25.19
N PRO A 84 -12.97 7.17 25.10
CA PRO A 84 -13.72 7.70 23.98
C PRO A 84 -13.13 7.39 22.59
N ALA A 85 -11.84 7.39 22.50
CA ALA A 85 -11.20 7.25 21.17
C ALA A 85 -11.49 5.92 20.48
N GLY A 86 -11.69 4.85 21.25
CA GLY A 86 -12.02 3.56 20.67
C GLY A 86 -13.47 3.39 20.23
N GLN A 87 -14.35 4.32 20.63
CA GLN A 87 -15.78 4.18 20.35
C GLN A 87 -16.07 4.42 18.87
N PHE A 88 -17.15 3.84 18.37
CA PHE A 88 -17.65 4.24 17.07
C PHE A 88 -18.03 5.69 16.99
N ILE A 89 -17.76 6.30 15.85
CA ILE A 89 -18.26 7.64 15.53
C ILE A 89 -19.81 7.66 15.57
N PRO A 90 -20.37 8.66 16.24
CA PRO A 90 -21.83 8.68 16.32
C PRO A 90 -22.54 8.56 14.98
N GLY A 91 -23.49 7.63 14.95
CA GLY A 91 -24.27 7.32 13.77
C GLY A 91 -23.71 6.16 12.94
N LEU A 92 -22.47 5.76 13.24
CA LEU A 92 -21.81 4.72 12.48
C LEU A 92 -21.68 3.44 13.30
N GLU A 93 -22.46 3.34 14.37
CA GLU A 93 -22.49 2.15 15.19
C GLU A 93 -23.08 0.93 14.43
N PRO A 94 -22.56 -0.28 14.72
CA PRO A 94 -23.17 -1.51 14.19
C PRO A 94 -24.54 -1.78 14.76
N LEU A 95 -25.35 -2.47 13.97
CA LEU A 95 -26.61 -3.06 14.40
C LEU A 95 -26.54 -4.60 14.48
N GLU A 96 -27.50 -5.17 15.19
CA GLU A 96 -27.56 -6.62 15.33
C GLU A 96 -27.53 -7.30 13.97
N GLY A 97 -26.70 -8.35 13.82
CA GLY A 97 -26.56 -9.07 12.55
C GLY A 97 -25.36 -8.65 11.73
N GLU A 98 -24.77 -7.52 12.08
CA GLU A 98 -23.62 -7.01 11.38
C GLU A 98 -22.35 -7.53 11.98
N ILE A 99 -21.36 -7.70 11.14
CA ILE A 99 -20.07 -8.26 11.55
C ILE A 99 -19.15 -7.15 12.08
N VAL A 100 -18.43 -7.43 13.18
CA VAL A 100 -17.54 -6.45 13.79
C VAL A 100 -16.24 -7.12 14.17
N ILE A 101 -15.14 -6.59 13.66
N ILE A 101 -15.13 -6.59 13.64
CA ILE A 101 -13.85 -7.10 14.02
CA ILE A 101 -13.81 -7.19 13.71
C ILE A 101 -12.91 -6.06 14.56
C ILE A 101 -12.70 -6.20 14.27
N GLU A 102 -11.97 -6.59 15.33
CA GLU A 102 -10.88 -5.80 15.90
C GLU A 102 -9.57 -6.28 15.33
N LYS A 103 -8.76 -5.33 14.91
CA LYS A 103 -7.50 -5.65 14.24
C LYS A 103 -6.27 -4.94 14.84
N ARG A 104 -5.10 -5.56 14.70
CA ARG A 104 -3.84 -4.95 15.14
C ARG A 104 -3.06 -4.21 14.05
N PRO A 106 -2.47 -2.47 10.02
CA PRO A 106 -3.18 -1.77 8.93
C PRO A 106 -3.92 -2.73 7.98
N ASN A 107 -3.33 -3.88 7.71
CA ASN A 107 -3.97 -4.96 6.99
C ASN A 107 -5.05 -5.62 7.87
N ALA A 108 -6.32 -5.38 7.51
CA ALA A 108 -7.42 -5.87 8.30
C ALA A 108 -7.64 -7.39 8.24
N PHE A 109 -6.95 -8.08 7.33
CA PHE A 109 -6.96 -9.57 7.29
C PHE A 109 -6.11 -10.22 8.37
N LYS A 110 -5.03 -9.55 8.79
N LYS A 110 -5.03 -9.55 8.79
CA LYS A 110 -4.01 -10.18 9.61
CA LYS A 110 -4.01 -10.19 9.61
C LYS A 110 -4.54 -10.53 11.00
C LYS A 110 -4.54 -10.53 10.99
N ASN A 111 -4.61 -11.83 11.27
CA ASN A 111 -5.14 -12.36 12.54
C ASN A 111 -6.57 -11.98 12.90
N THR A 112 -7.43 -11.80 11.89
CA THR A 112 -8.85 -11.45 12.13
C THR A 112 -9.88 -12.44 11.56
N LYS A 113 -9.44 -13.35 10.73
CA LYS A 113 -10.39 -14.21 10.00
C LYS A 113 -11.31 -13.45 9.03
N LEU A 114 -10.94 -12.20 8.69
CA LEU A 114 -11.67 -11.48 7.67
C LEU A 114 -11.78 -12.28 6.37
N HIS A 115 -10.73 -13.00 6.00
CA HIS A 115 -10.80 -13.82 4.78
C HIS A 115 -11.91 -14.90 4.85
N GLU A 116 -11.92 -15.67 5.93
N GLU A 116 -11.93 -15.65 5.95
CA GLU A 116 -12.91 -16.73 6.11
CA GLU A 116 -12.90 -16.73 6.17
C GLU A 116 -14.31 -16.12 6.11
C GLU A 116 -14.29 -16.13 6.13
N THR A 117 -14.46 -14.96 6.75
CA THR A 117 -15.73 -14.28 6.76
C THR A 117 -16.18 -13.88 5.34
N LEU A 118 -15.29 -13.25 4.59
CA LEU A 118 -15.65 -12.87 3.23
C LEU A 118 -15.93 -14.09 2.33
N GLN A 119 -15.22 -15.20 2.55
CA GLN A 119 -15.49 -16.48 1.84
C GLN A 119 -16.91 -16.98 2.13
N GLU A 120 -17.26 -16.95 3.41
CA GLU A 120 -18.55 -17.37 3.85
C GLU A 120 -19.68 -16.53 3.27
N LEU A 121 -19.41 -15.24 3.09
CA LEU A 121 -20.41 -14.33 2.57
C LEU A 121 -20.59 -14.50 1.05
N GLY A 122 -19.57 -15.01 0.38
CA GLY A 122 -19.74 -15.41 -1.00
C GLY A 122 -19.59 -14.36 -2.07
N HIS A 123 -19.30 -13.11 -1.71
N HIS A 123 -19.29 -13.11 -1.71
CA HIS A 123 -19.15 -12.03 -2.72
CA HIS A 123 -19.14 -12.03 -2.73
C HIS A 123 -17.72 -11.67 -3.00
C HIS A 123 -17.71 -11.66 -3.00
N LEU A 124 -17.35 -11.70 -4.29
CA LEU A 124 -16.04 -11.21 -4.71
C LEU A 124 -15.97 -9.68 -4.72
N ASP A 125 -17.11 -9.00 -4.85
CA ASP A 125 -17.19 -7.54 -4.83
C ASP A 125 -17.33 -6.92 -3.42
N LEU A 126 -16.35 -6.09 -3.11
CA LEU A 126 -16.27 -5.40 -1.84
C LEU A 126 -16.34 -3.91 -2.06
N ILE A 127 -17.22 -3.26 -1.30
CA ILE A 127 -17.29 -1.81 -1.24
C ILE A 127 -16.60 -1.44 0.07
N VAL A 128 -15.57 -0.60 -0.05
CA VAL A 128 -14.71 -0.21 1.05
C VAL A 128 -14.70 1.27 1.35
N CYS A 129 -14.82 1.60 2.63
CA CYS A 129 -14.74 2.99 3.03
C CYS A 129 -14.03 3.03 4.38
N GLY A 130 -13.74 4.24 4.84
CA GLY A 130 -13.16 4.48 6.17
C GLY A 130 -11.79 5.11 6.17
N PHE A 131 -11.02 4.81 7.19
CA PHE A 131 -9.93 5.61 7.67
C PHE A 131 -8.75 4.80 8.14
N SER A 133 -7.16 6.77 4.72
CA SER A 133 -7.13 6.31 3.34
C SER A 133 -5.76 5.73 2.98
N HIS A 134 -4.67 6.35 3.43
CA HIS A 134 -3.30 5.96 3.00
C HIS A 134 -2.74 4.77 3.78
N SER A 135 -3.38 4.42 4.90
CA SER A 135 -2.80 3.47 5.85
C SER A 135 -3.65 2.19 5.93
N SER A 136 -4.65 2.11 6.83
CA SER A 136 -5.45 0.88 6.91
C SER A 136 -6.30 0.58 5.65
N VAL A 137 -6.79 1.61 4.98
CA VAL A 137 -7.67 1.41 3.83
C VAL A 137 -6.83 0.90 2.65
N SER A 138 -5.79 1.68 2.30
CA SER A 138 -4.87 1.29 1.24
C SER A 138 -4.31 -0.10 1.46
N THR A 139 -3.89 -0.40 2.69
CA THR A 139 -3.27 -1.69 2.98
C THR A 139 -4.29 -2.82 2.82
N THR A 140 -5.50 -2.61 3.35
CA THR A 140 -6.53 -3.65 3.30
C THR A 140 -7.00 -3.93 1.86
N VAL A 141 -7.12 -2.88 1.08
CA VAL A 141 -7.55 -2.99 -0.30
C VAL A 141 -6.47 -3.75 -1.05
N ARG A 142 -5.22 -3.39 -0.82
CA ARG A 142 -4.13 -4.11 -1.50
C ARG A 142 -4.14 -5.59 -1.16
N ARG A 143 -4.31 -5.92 0.12
CA ARG A 143 -4.34 -7.31 0.55
C ARG A 143 -5.50 -8.09 -0.08
N ALA A 144 -6.64 -7.45 -0.20
CA ALA A 144 -7.81 -8.04 -0.79
C ALA A 144 -7.53 -8.43 -2.24
N LYS A 145 -6.76 -7.63 -2.97
CA LYS A 145 -6.34 -8.01 -4.33
C LYS A 145 -5.67 -9.38 -4.32
N ASP A 146 -4.77 -9.64 -3.35
CA ASP A 146 -4.10 -10.94 -3.23
C ASP A 146 -5.03 -12.13 -3.12
N TYR A 147 -6.19 -11.90 -2.49
CA TYR A 147 -7.19 -12.97 -2.31
C TYR A 147 -8.25 -12.99 -3.43
N GLY A 148 -8.03 -12.16 -4.42
CA GLY A 148 -8.87 -12.20 -5.61
C GLY A 148 -10.16 -11.41 -5.52
N TYR A 149 -10.32 -10.57 -4.50
CA TYR A 149 -11.46 -9.70 -4.45
C TYR A 149 -11.39 -8.52 -5.37
N ARG A 150 -12.56 -8.07 -5.79
N ARG A 150 -12.57 -8.08 -5.79
CA ARG A 150 -12.72 -6.88 -6.60
CA ARG A 150 -12.73 -6.88 -6.61
C ARG A 150 -13.19 -5.78 -5.66
C ARG A 150 -13.19 -5.78 -5.67
N CYS A 151 -12.38 -4.75 -5.50
CA CYS A 151 -12.65 -3.69 -4.53
C CYS A 151 -13.16 -2.45 -5.25
N THR A 152 -14.17 -1.81 -4.65
CA THR A 152 -14.63 -0.51 -5.05
C THR A 152 -14.47 0.38 -3.83
N LEU A 153 -13.59 1.37 -3.93
CA LEU A 153 -13.24 2.22 -2.81
C LEU A 153 -14.00 3.50 -2.93
N VAL A 154 -14.68 3.89 -1.85
CA VAL A 154 -15.60 5.04 -1.94
C VAL A 154 -14.84 6.28 -1.51
N GLU A 155 -14.41 7.08 -2.49
CA GLU A 155 -13.37 8.08 -2.24
C GLU A 155 -13.84 9.22 -1.33
N ASP A 156 -15.13 9.49 -1.36
CA ASP A 156 -15.73 10.56 -0.53
C ASP A 156 -16.36 10.05 0.77
N ALA A 157 -16.09 8.79 1.06
CA ALA A 157 -16.46 8.14 2.33
C ALA A 157 -15.19 7.63 3.03
N SER A 158 -14.10 8.32 2.75
N SER A 158 -14.09 8.33 2.75
N SER A 158 -14.10 8.35 2.76
CA SER A 158 -12.78 7.98 3.29
CA SER A 158 -12.77 8.00 3.28
CA SER A 158 -12.77 8.00 3.25
C SER A 158 -12.03 9.29 3.48
C SER A 158 -12.04 9.31 3.47
C SER A 158 -12.04 9.31 3.47
N ALA A 159 -11.04 9.31 4.35
CA ALA A 159 -10.30 10.50 4.64
C ALA A 159 -8.94 10.21 5.18
N THR A 160 -8.14 11.24 5.22
CA THR A 160 -6.83 11.19 5.81
C THR A 160 -6.49 12.54 6.48
N ARG A 161 -5.22 12.69 6.83
CA ARG A 161 -4.74 13.91 7.46
C ARG A 161 -3.51 14.50 6.76
N ASP A 162 -3.16 15.74 7.10
CA ASP A 162 -1.92 16.33 6.66
C ASP A 162 -0.76 15.45 7.08
N LEU A 163 0.16 15.19 6.17
CA LEU A 163 1.39 14.42 6.51
C LEU A 163 2.67 15.18 6.33
N ALA A 164 3.63 14.85 7.18
CA ALA A 164 4.97 15.37 7.04
C ALA A 164 5.68 14.79 5.83
N PHE A 165 6.40 15.65 5.13
CA PHE A 165 7.43 15.26 4.19
C PHE A 165 8.67 16.08 4.58
N LYS A 166 9.59 15.42 5.27
CA LYS A 166 10.76 16.10 5.82
C LYS A 166 10.33 17.26 6.71
N ASP A 167 10.89 18.46 6.57
CA ASP A 167 10.44 19.57 7.44
C ASP A 167 9.38 20.42 6.77
N GLY A 168 8.43 19.76 6.11
CA GLY A 168 7.36 20.42 5.39
C GLY A 168 6.10 19.60 5.56
N VAL A 169 5.02 20.09 4.95
CA VAL A 169 3.72 19.44 5.10
C VAL A 169 2.97 19.26 3.78
N ILE A 170 2.43 18.08 3.58
CA ILE A 170 1.57 17.82 2.43
C ILE A 170 0.12 17.80 2.93
N PRO A 171 -0.71 18.68 2.40
CA PRO A 171 -2.10 18.63 2.84
C PRO A 171 -2.78 17.30 2.65
N ALA A 172 -3.74 17.07 3.54
CA ALA A 172 -4.59 15.90 3.51
C ALA A 172 -5.23 15.68 2.14
N ALA A 173 -5.73 16.75 1.48
CA ALA A 173 -6.37 16.61 0.18
C ALA A 173 -5.42 16.05 -0.87
N GLN A 174 -4.15 16.44 -0.78
CA GLN A 174 -3.16 16.05 -1.79
C GLN A 174 -2.79 14.59 -1.53
N ILE A 175 -2.59 14.26 -0.26
CA ILE A 175 -2.38 12.84 0.07
C ILE A 175 -3.54 11.97 -0.43
N HIS A 176 -4.76 12.39 -0.13
CA HIS A 176 -5.93 11.61 -0.46
C HIS A 176 -6.10 11.43 -2.00
N GLN A 177 -5.93 12.51 -2.75
CA GLN A 177 -6.03 12.47 -4.21
C GLN A 177 -4.97 11.57 -4.79
N CYS A 178 -3.73 11.68 -4.29
N CYS A 178 -3.73 11.67 -4.29
CA CYS A 178 -2.69 10.80 -4.78
CA CYS A 178 -2.68 10.77 -4.74
C CYS A 178 -3.02 9.35 -4.48
C CYS A 178 -3.04 9.34 -4.49
N GLU A 179 -3.49 9.04 -3.27
CA GLU A 179 -3.80 7.66 -2.97
C GLU A 179 -4.98 7.13 -3.76
N ALA A 181 -5.66 8.09 -6.83
CA ALA A 181 -5.07 7.83 -8.14
C ALA A 181 -4.30 6.49 -8.16
N VAL A 182 -3.55 6.26 -7.09
CA VAL A 182 -2.77 5.02 -6.89
C VAL A 182 -3.68 3.79 -6.83
N ALA A 184 -6.81 3.62 -8.02
CA ALA A 184 -7.46 3.48 -9.31
C ALA A 184 -6.54 2.87 -10.36
N ASP A 185 -5.24 3.05 -10.20
CA ASP A 185 -4.29 2.52 -11.19
C ASP A 185 -4.29 0.99 -11.21
N ASN A 186 -4.36 0.35 -10.03
CA ASN A 186 -4.04 -1.07 -9.93
C ASN A 186 -4.66 -1.84 -8.73
N PHE A 187 -5.49 -1.19 -7.92
CA PHE A 187 -5.97 -1.85 -6.71
C PHE A 187 -7.48 -1.79 -6.48
N ALA A 188 -8.18 -0.83 -7.06
CA ALA A 188 -9.63 -0.74 -6.85
C ALA A 188 -10.28 0.09 -7.90
N CYS A 189 -11.58 -0.13 -8.12
CA CYS A 189 -12.43 0.92 -8.71
C CYS A 189 -12.58 1.98 -7.68
N VAL A 190 -12.49 3.24 -8.08
CA VAL A 190 -12.70 4.34 -7.16
C VAL A 190 -13.94 5.06 -7.62
N ALA A 191 -14.88 5.29 -6.69
CA ALA A 191 -16.20 5.82 -7.04
C ALA A 191 -16.74 6.69 -5.91
N PRO A 192 -17.59 7.69 -6.24
CA PRO A 192 -18.24 8.48 -5.19
C PRO A 192 -19.50 7.77 -4.66
N THR A 193 -19.83 8.10 -3.41
CA THR A 193 -20.94 7.50 -2.70
C THR A 193 -22.22 7.53 -3.55
N ALA A 194 -22.46 8.66 -4.18
CA ALA A 194 -23.70 8.91 -4.93
C ALA A 194 -23.89 7.91 -6.06
N SER A 195 -22.80 7.37 -6.60
CA SER A 195 -22.88 6.38 -7.67
C SER A 195 -23.30 4.97 -7.20
N LEU A 196 -23.38 4.75 -5.89
CA LEU A 196 -23.61 3.40 -5.32
C LEU A 196 -24.96 3.26 -4.64
N ILE A 197 -25.58 4.38 -4.29
CA ILE A 197 -26.77 4.38 -3.42
C ILE A 197 -28.06 4.78 -4.16
N VAL B 4 4.66 20.94 11.60
CA VAL B 4 4.88 19.68 10.81
C VAL B 4 4.32 18.43 11.53
N PRO B 5 3.50 17.62 10.85
CA PRO B 5 2.87 16.50 11.57
C PRO B 5 3.79 15.46 12.14
N THR B 6 3.32 14.84 13.21
CA THR B 6 3.93 13.64 13.75
C THR B 6 3.53 12.46 12.85
N THR B 7 4.11 11.31 13.14
CA THR B 7 3.79 10.05 12.43
C THR B 7 2.97 9.10 13.30
N PHE B 9 3.73 6.05 13.53
CA PHE B 9 4.85 5.37 14.22
C PHE B 9 5.12 6.03 15.58
N ARG B 10 5.32 7.33 15.60
CA ARG B 10 5.73 8.03 16.83
C ARG B 10 4.58 8.08 17.83
N LEU B 11 3.36 8.26 17.34
CA LEU B 11 2.20 8.30 18.21
C LEU B 11 1.98 7.01 19.00
N THR B 12 2.30 5.87 18.39
CA THR B 12 2.13 4.55 18.98
C THR B 12 3.41 4.01 19.65
N GLY B 13 4.50 4.71 19.46
CA GLY B 13 5.80 4.34 19.97
C GLY B 13 6.38 3.15 19.24
N ARG B 14 6.00 3.02 17.98
CA ARG B 14 6.40 1.89 17.16
C ARG B 14 7.47 2.27 16.13
N ASP B 15 7.92 3.52 16.15
CA ASP B 15 9.07 3.95 15.33
C ASP B 15 10.33 3.18 15.60
N TYR B 16 11.06 2.86 14.55
CA TYR B 16 12.36 2.21 14.71
C TYR B 16 13.41 2.98 13.92
N PRO B 17 14.70 2.76 14.23
CA PRO B 17 15.73 3.51 13.51
C PRO B 17 15.91 3.04 12.08
N PRO B 18 16.43 3.92 11.22
CA PRO B 18 16.76 3.45 9.88
C PRO B 18 17.78 2.34 9.91
N ALA B 19 17.76 1.52 8.85
CA ALA B 19 18.69 0.39 8.74
C ALA B 19 20.12 0.86 8.61
N LYS B 20 21.02 0.07 9.14
CA LYS B 20 22.44 0.19 8.84
C LYS B 20 22.69 -0.90 7.82
N LEU B 21 23.31 -0.54 6.69
CA LEU B 21 23.64 -1.53 5.67
C LEU B 21 24.37 -2.76 6.23
N SER B 22 25.25 -2.51 7.20
CA SER B 22 26.03 -3.58 7.85
C SER B 22 25.21 -4.67 8.54
N HIS B 23 23.97 -4.36 8.88
CA HIS B 23 23.08 -5.34 9.53
C HIS B 23 21.85 -5.66 8.72
N ALA B 24 21.86 -5.30 7.43
CA ALA B 24 20.63 -5.33 6.65
C ALA B 24 20.72 -6.27 5.48
N SER B 25 19.55 -6.60 4.95
CA SER B 25 19.41 -7.29 3.66
C SER B 25 18.94 -6.22 2.65
N LEU B 26 19.52 -6.19 1.44
CA LEU B 26 19.14 -5.23 0.40
C LEU B 26 18.17 -5.90 -0.60
N ILE B 27 17.04 -5.27 -0.83
CA ILE B 27 16.01 -5.78 -1.76
CA ILE B 27 16.03 -5.80 -1.76
C ILE B 27 15.80 -4.79 -2.87
N ILE B 28 16.00 -5.23 -4.11
CA ILE B 28 15.87 -4.39 -5.28
C ILE B 28 14.66 -4.93 -6.06
N ILE B 29 13.63 -4.11 -6.16
CA ILE B 29 12.37 -4.53 -6.76
C ILE B 29 12.21 -4.14 -8.21
N ASP B 30 12.25 -5.17 -9.06
CA ASP B 30 11.88 -5.04 -10.48
C ASP B 30 12.65 -3.98 -11.28
N ALA B 31 13.98 -4.03 -11.16
CA ALA B 31 14.90 -3.17 -11.88
C ALA B 31 15.10 -3.73 -13.29
N GLN B 32 14.03 -3.62 -14.06
CA GLN B 32 13.93 -4.19 -15.37
C GLN B 32 13.71 -3.16 -16.46
N LYS B 33 14.10 -3.55 -17.67
CA LYS B 33 14.15 -2.66 -18.82
C LYS B 33 12.78 -2.11 -19.24
N GLU B 34 11.71 -2.80 -18.88
CA GLU B 34 10.35 -2.35 -19.08
C GLU B 34 10.17 -0.86 -18.68
N TYR B 35 10.83 -0.44 -17.59
CA TYR B 35 10.62 0.86 -17.04
C TYR B 35 11.53 1.96 -17.63
N LEU B 36 12.32 1.62 -18.65
CA LEU B 36 13.20 2.59 -19.33
C LEU B 36 12.59 3.22 -20.58
N SER B 37 11.51 2.63 -21.10
N SER B 37 11.60 2.53 -21.16
CA SER B 37 10.95 3.10 -22.37
CA SER B 37 11.01 2.90 -22.45
C SER B 37 9.54 2.57 -22.43
C SER B 37 9.55 2.55 -22.43
N GLY B 38 8.81 2.97 -23.47
CA GLY B 38 7.43 2.52 -23.65
C GLY B 38 6.43 3.15 -22.71
N PRO B 39 5.21 2.58 -22.65
CA PRO B 39 4.14 3.15 -21.82
C PRO B 39 4.43 3.14 -20.33
N LEU B 40 5.32 2.25 -19.88
CA LEU B 40 5.69 2.20 -18.45
C LEU B 40 7.04 2.88 -18.15
N LYS B 41 7.49 3.73 -19.07
CA LYS B 41 8.71 4.51 -18.82
C LYS B 41 8.50 5.35 -17.55
N LEU B 42 9.39 5.21 -16.55
CA LEU B 42 9.24 5.92 -15.26
C LEU B 42 10.03 7.24 -15.31
N SER B 43 9.68 8.15 -14.41
CA SER B 43 10.26 9.47 -14.36
C SER B 43 11.47 9.45 -13.42
N GLY B 44 12.53 10.14 -13.80
CA GLY B 44 13.74 10.24 -12.97
C GLY B 44 14.55 8.97 -12.90
N ASP B 46 17.28 7.97 -14.67
CA ASP B 46 18.73 8.12 -14.67
C ASP B 46 19.31 8.13 -13.25
N GLU B 47 18.76 8.99 -12.41
CA GLU B 47 19.28 9.07 -11.02
C GLU B 47 18.87 7.92 -10.11
N ALA B 48 17.66 7.41 -10.26
CA ALA B 48 17.22 6.26 -9.47
C ALA B 48 18.10 5.04 -9.74
N VAL B 49 18.38 4.75 -11.02
CA VAL B 49 19.23 3.64 -11.39
C VAL B 49 20.66 3.89 -10.90
N ALA B 50 21.17 5.12 -11.02
CA ALA B 50 22.51 5.41 -10.51
C ALA B 50 22.58 5.13 -9.02
N ASN B 51 21.51 5.44 -8.29
CA ASN B 51 21.47 5.18 -6.83
C ASN B 51 21.33 3.71 -6.46
N ILE B 52 20.57 2.93 -7.24
CA ILE B 52 20.54 1.49 -7.03
C ILE B 52 21.97 0.93 -7.25
N ALA B 53 22.64 1.41 -8.29
CA ALA B 53 24.00 0.93 -8.54
C ALA B 53 24.93 1.26 -7.36
N ARG B 54 24.79 2.44 -6.77
CA ARG B 54 25.53 2.83 -5.56
C ARG B 54 25.22 1.91 -4.39
N LEU B 55 23.95 1.60 -4.18
CA LEU B 55 23.59 0.67 -3.12
C LEU B 55 24.18 -0.71 -3.37
N LEU B 56 24.11 -1.18 -4.59
CA LEU B 56 24.63 -2.48 -4.92
C LEU B 56 26.15 -2.55 -4.66
N ASP B 57 26.84 -1.50 -5.09
CA ASP B 57 28.27 -1.38 -4.91
C ASP B 57 28.61 -1.52 -3.44
N ALA B 58 27.93 -0.72 -2.63
CA ALA B 58 28.17 -0.69 -1.20
C ALA B 58 27.83 -2.03 -0.54
N ALA B 59 26.69 -2.61 -0.92
CA ALA B 59 26.31 -3.96 -0.40
C ALA B 59 27.34 -5.04 -0.75
N ARG B 60 27.86 -4.99 -1.97
CA ARG B 60 28.83 -5.98 -2.40
C ARG B 60 30.17 -5.80 -1.70
N LYS B 61 30.60 -4.57 -1.55
CA LYS B 61 31.88 -4.30 -0.87
C LYS B 61 31.86 -4.79 0.57
N SER B 62 30.67 -4.75 1.17
N SER B 62 30.69 -4.75 1.20
CA SER B 62 30.46 -5.11 2.58
CA SER B 62 30.61 -5.16 2.60
C SER B 62 29.97 -6.53 2.80
C SER B 62 29.94 -6.51 2.80
N GLY B 63 29.79 -7.30 1.73
CA GLY B 63 29.31 -8.68 1.83
C GLY B 63 27.90 -8.91 2.37
N ARG B 64 26.98 -8.01 2.07
CA ARG B 64 25.58 -8.10 2.51
C ARG B 64 24.72 -8.97 1.58
N PRO B 65 23.62 -9.57 2.10
CA PRO B 65 22.66 -10.30 1.31
C PRO B 65 21.95 -9.34 0.38
N ILE B 66 21.84 -9.73 -0.88
CA ILE B 66 21.19 -8.94 -1.87
C ILE B 66 20.14 -9.77 -2.58
N ILE B 67 18.94 -9.23 -2.61
CA ILE B 67 17.79 -9.90 -3.20
CA ILE B 67 17.78 -9.90 -3.17
C ILE B 67 17.27 -9.07 -4.35
N HIS B 68 17.33 -9.65 -5.54
CA HIS B 68 16.76 -9.05 -6.70
C HIS B 68 15.42 -9.71 -6.94
N VAL B 69 14.38 -8.89 -6.82
CA VAL B 69 13.05 -9.30 -7.14
C VAL B 69 12.86 -8.95 -8.63
N ARG B 70 12.48 -9.93 -9.43
CA ARG B 70 12.19 -9.64 -10.86
C ARG B 70 10.75 -10.08 -11.12
N HIS B 71 10.08 -9.30 -11.95
CA HIS B 71 8.75 -9.65 -12.41
C HIS B 71 8.83 -10.73 -13.47
N LEU B 72 8.02 -11.78 -13.29
CA LEU B 72 7.99 -12.88 -14.28
C LEU B 72 7.67 -12.49 -15.74
N GLY B 73 6.62 -11.73 -15.94
CA GLY B 73 6.18 -11.40 -17.30
C GLY B 73 5.59 -12.54 -18.15
N THR B 74 5.04 -12.11 -19.27
CA THR B 74 4.18 -12.95 -20.09
C THR B 74 4.34 -12.50 -21.51
N VAL B 75 4.19 -13.44 -22.42
CA VAL B 75 4.16 -13.16 -23.83
C VAL B 75 2.98 -12.24 -24.16
N GLY B 76 3.31 -11.12 -24.79
CA GLY B 76 2.31 -10.10 -25.09
C GLY B 76 1.92 -9.22 -23.94
N GLY B 77 2.66 -9.33 -22.86
CA GLY B 77 2.39 -8.53 -21.65
C GLY B 77 3.64 -7.79 -21.22
N ARG B 78 3.64 -7.39 -19.96
CA ARG B 78 4.79 -6.71 -19.39
C ARG B 78 5.94 -7.64 -19.14
N PHE B 79 7.14 -7.06 -19.13
CA PHE B 79 8.37 -7.77 -18.81
C PHE B 79 8.50 -9.02 -19.64
N ASP B 80 8.14 -8.92 -20.92
CA ASP B 80 8.12 -10.03 -21.84
C ASP B 80 9.35 -10.86 -21.60
N PRO B 81 9.16 -12.06 -21.08
CA PRO B 81 10.33 -12.83 -20.66
C PRO B 81 11.16 -13.36 -21.84
N GLN B 82 10.65 -13.24 -23.05
N GLN B 82 10.69 -13.21 -23.07
CA GLN B 82 11.39 -13.62 -24.25
CA GLN B 82 11.49 -13.60 -24.23
C GLN B 82 12.01 -12.42 -25.00
C GLN B 82 12.14 -12.43 -24.95
N GLY B 83 11.98 -11.25 -24.39
CA GLY B 83 12.45 -9.99 -25.01
C GLY B 83 13.17 -9.10 -24.02
N PRO B 84 13.69 -7.93 -24.48
CA PRO B 84 14.40 -6.98 -23.65
C PRO B 84 13.69 -6.55 -22.38
N ALA B 85 12.36 -6.35 -22.44
CA ALA B 85 11.65 -5.73 -21.31
C ALA B 85 11.82 -6.48 -20.01
N GLY B 86 11.97 -7.80 -20.08
CA GLY B 86 12.12 -8.57 -18.86
C GLY B 86 13.53 -8.61 -18.29
N GLN B 87 14.52 -8.08 -19.01
CA GLN B 87 15.93 -8.16 -18.58
C GLN B 87 16.18 -7.14 -17.49
N PHE B 88 17.15 -7.41 -16.63
CA PHE B 88 17.65 -6.40 -15.72
C PHE B 88 18.21 -5.16 -16.45
N ILE B 89 17.94 -4.00 -15.89
CA ILE B 89 18.54 -2.73 -16.32
C ILE B 89 20.06 -2.85 -16.29
N PRO B 90 20.75 -2.38 -17.37
CA PRO B 90 22.18 -2.48 -17.39
C PRO B 90 22.83 -1.89 -16.14
N GLY B 91 23.70 -2.70 -15.56
CA GLY B 91 24.42 -2.35 -14.37
C GLY B 91 23.76 -2.88 -13.11
N LEU B 92 22.50 -3.30 -13.22
CA LEU B 92 21.74 -3.74 -12.06
C LEU B 92 21.52 -5.26 -12.11
N GLU B 93 22.34 -5.96 -12.91
CA GLU B 93 22.26 -7.42 -12.97
C GLU B 93 22.77 -8.07 -11.69
N PRO B 94 22.24 -9.26 -11.35
CA PRO B 94 22.79 -10.02 -10.24
C PRO B 94 24.14 -10.62 -10.55
N LEU B 95 24.95 -10.77 -9.50
CA LEU B 95 26.18 -11.55 -9.51
C LEU B 95 26.00 -12.89 -8.81
N GLU B 96 26.92 -13.82 -9.11
CA GLU B 96 26.85 -15.13 -8.50
C GLU B 96 26.81 -15.03 -6.97
N GLY B 97 25.95 -15.81 -6.32
CA GLY B 97 25.86 -15.81 -4.86
C GLY B 97 24.82 -14.85 -4.32
N GLU B 98 24.26 -14.04 -5.21
CA GLU B 98 23.09 -13.22 -4.89
C GLU B 98 21.82 -13.97 -5.12
N ILE B 99 20.74 -13.45 -4.56
CA ILE B 99 19.40 -14.01 -4.69
C ILE B 99 18.54 -13.34 -5.72
N VAL B 100 17.85 -14.17 -6.48
CA VAL B 100 16.89 -13.72 -7.47
C VAL B 100 15.57 -14.42 -7.18
N ILE B 101 14.50 -13.62 -7.03
CA ILE B 101 13.15 -14.10 -6.78
C ILE B 101 12.19 -13.57 -7.79
N GLU B 102 11.51 -14.48 -8.48
CA GLU B 102 10.56 -14.08 -9.50
C GLU B 102 9.17 -13.99 -8.90
N LYS B 103 8.43 -12.95 -9.28
CA LYS B 103 7.08 -12.70 -8.77
C LYS B 103 6.06 -12.30 -9.84
N ARG B 104 4.78 -12.55 -9.58
CA ARG B 104 3.68 -12.17 -10.51
C ARG B 104 2.81 -10.98 -10.03
N PRO B 106 2.06 -7.42 -7.29
CA PRO B 106 2.74 -6.33 -6.62
C PRO B 106 3.37 -6.68 -5.27
N ASN B 107 2.66 -7.46 -4.46
CA ASN B 107 3.19 -8.01 -3.21
C ASN B 107 4.23 -9.05 -3.54
N ALA B 108 5.49 -8.74 -3.30
CA ALA B 108 6.58 -9.65 -3.71
C ALA B 108 6.69 -10.92 -2.84
N PHE B 109 5.92 -11.00 -1.75
CA PHE B 109 5.84 -12.22 -0.96
C PHE B 109 4.88 -13.29 -1.55
N LYS B 110 3.87 -12.83 -2.29
N LYS B 110 3.91 -12.81 -2.31
CA LYS B 110 2.77 -13.69 -2.74
CA LYS B 110 2.80 -13.65 -2.74
C LYS B 110 3.24 -14.71 -3.76
C LYS B 110 3.22 -14.71 -3.76
N ASN B 111 3.10 -15.98 -3.37
CA ASN B 111 3.53 -17.12 -4.17
C ASN B 111 5.00 -17.14 -4.50
N THR B 112 5.81 -16.54 -3.63
CA THR B 112 7.26 -16.53 -3.78
C THR B 112 7.82 -17.11 -2.49
N LYS B 113 9.11 -17.35 -2.50
CA LYS B 113 9.75 -17.77 -1.27
C LYS B 113 10.45 -16.61 -0.61
N LEU B 114 9.94 -15.39 -0.81
CA LEU B 114 10.57 -14.25 -0.21
C LEU B 114 10.58 -14.31 1.32
N HIS B 115 9.45 -14.64 1.93
CA HIS B 115 9.40 -14.76 3.39
C HIS B 115 10.38 -15.79 3.94
N GLU B 116 10.38 -17.01 3.40
N GLU B 116 10.32 -17.01 3.38
CA GLU B 116 11.29 -18.05 3.89
CA GLU B 116 11.23 -18.11 3.74
C GLU B 116 12.73 -17.60 3.72
C GLU B 116 12.67 -17.63 3.70
N THR B 117 13.01 -16.94 2.60
CA THR B 117 14.34 -16.43 2.34
C THR B 117 14.79 -15.37 3.36
N LEU B 118 13.94 -14.38 3.59
CA LEU B 118 14.26 -13.36 4.60
C LEU B 118 14.45 -13.98 5.98
N GLN B 119 13.63 -14.98 6.33
N GLN B 119 13.64 -14.97 6.32
CA GLN B 119 13.77 -15.69 7.60
CA GLN B 119 13.77 -15.64 7.59
C GLN B 119 15.14 -16.35 7.67
C GLN B 119 15.10 -16.36 7.68
N GLU B 120 15.47 -17.05 6.59
CA GLU B 120 16.75 -17.76 6.50
C GLU B 120 17.96 -16.82 6.64
N LEU B 121 17.82 -15.59 6.17
CA LEU B 121 18.90 -14.59 6.18
C LEU B 121 19.07 -13.99 7.56
N GLY B 122 18.01 -14.04 8.36
CA GLY B 122 18.09 -13.63 9.75
C GLY B 122 17.84 -12.16 10.07
N HIS B 123 17.86 -11.28 9.06
CA HIS B 123 17.84 -9.83 9.33
C HIS B 123 16.44 -9.33 9.33
N LEU B 124 16.07 -8.66 10.44
CA LEU B 124 14.83 -7.92 10.52
C LEU B 124 14.86 -6.62 9.72
N ASP B 125 16.05 -6.05 9.49
N ASP B 125 16.06 -6.06 9.48
CA ASP B 125 16.19 -4.79 8.73
CA ASP B 125 16.21 -4.81 8.71
C ASP B 125 16.39 -4.97 7.22
C ASP B 125 16.39 -4.98 7.21
N LEU B 126 15.46 -4.38 6.47
CA LEU B 126 15.45 -4.41 5.03
C LEU B 126 15.65 -3.03 4.45
N ILE B 127 16.58 -2.92 3.52
CA ILE B 127 16.75 -1.70 2.69
C ILE B 127 16.08 -2.01 1.37
N VAL B 128 15.05 -1.24 1.06
CA VAL B 128 14.17 -1.49 -0.11
C VAL B 128 14.29 -0.39 -1.14
N CYS B 129 14.46 -0.79 -2.40
CA CYS B 129 14.48 0.16 -3.47
C CYS B 129 13.81 -0.50 -4.68
N GLY B 130 13.66 0.29 -5.72
CA GLY B 130 13.05 -0.22 -6.98
C GLY B 130 11.71 0.39 -7.38
N PHE B 131 10.92 -0.37 -8.12
CA PHE B 131 9.86 0.16 -8.98
C PHE B 131 8.63 -0.72 -8.99
N SER B 133 7.23 2.87 -7.25
CA SER B 133 7.12 3.24 -5.83
C SER B 133 5.69 3.01 -5.26
N HIS B 134 4.64 3.35 -6.00
CA HIS B 134 3.27 3.31 -5.45
C HIS B 134 2.59 1.94 -5.52
N SER B 135 3.17 1.02 -6.28
CA SER B 135 2.55 -0.23 -6.56
C SER B 135 3.34 -1.36 -5.92
N SER B 136 4.28 -1.98 -6.62
N SER B 136 4.26 -2.00 -6.64
CA SER B 136 4.97 -3.13 -6.04
CA SER B 136 4.99 -3.12 -6.03
C SER B 136 5.85 -2.79 -4.81
C SER B 136 5.77 -2.75 -4.77
N VAL B 137 6.43 -1.59 -4.78
CA VAL B 137 7.29 -1.19 -3.68
C VAL B 137 6.41 -0.97 -2.43
N SER B 138 5.44 -0.10 -2.57
CA SER B 138 4.48 0.23 -1.47
C SER B 138 3.79 -1.03 -0.95
N THR B 139 3.34 -1.88 -1.88
CA THR B 139 2.64 -3.12 -1.46
C THR B 139 3.55 -4.05 -0.69
N THR B 140 4.77 -4.26 -1.20
CA THR B 140 5.72 -5.17 -0.56
C THR B 140 6.15 -4.67 0.84
N VAL B 141 6.40 -3.37 0.97
CA VAL B 141 6.79 -2.75 2.22
C VAL B 141 5.62 -2.87 3.22
N ARG B 142 4.39 -2.63 2.76
CA ARG B 142 3.22 -2.81 3.64
C ARG B 142 3.10 -4.26 4.15
N ARG B 143 3.30 -5.22 3.24
CA ARG B 143 3.22 -6.66 3.63
C ARG B 143 4.32 -7.03 4.65
N ALA B 144 5.52 -6.49 4.46
CA ALA B 144 6.65 -6.73 5.34
C ALA B 144 6.35 -6.28 6.77
N LYS B 145 5.53 -5.24 6.93
CA LYS B 145 5.07 -4.84 8.29
C LYS B 145 4.37 -5.99 9.05
N ASP B 146 3.53 -6.73 8.34
CA ASP B 146 2.82 -7.91 8.86
C ASP B 146 3.71 -8.97 9.46
N TYR B 147 4.90 -9.12 8.88
CA TYR B 147 5.87 -10.11 9.33
C TYR B 147 6.81 -9.56 10.39
N GLY B 148 6.65 -8.30 10.74
CA GLY B 148 7.51 -7.69 11.72
C GLY B 148 8.86 -7.21 11.24
N TYR B 149 9.04 -7.07 9.93
CA TYR B 149 10.27 -6.50 9.38
C TYR B 149 10.31 -5.00 9.57
N ARG B 150 11.53 -4.50 9.68
N ARG B 150 11.53 -4.51 9.68
CA ARG B 150 11.81 -3.07 9.74
CA ARG B 150 11.80 -3.08 9.70
C ARG B 150 12.35 -2.63 8.39
C ARG B 150 12.28 -2.74 8.30
N CYS B 151 11.63 -1.78 7.66
CA CYS B 151 11.95 -1.37 6.33
C CYS B 151 12.49 0.03 6.30
N THR B 152 13.52 0.21 5.52
N THR B 152 13.56 0.22 5.52
CA THR B 152 14.05 1.53 5.15
CA THR B 152 14.04 1.54 5.15
C THR B 152 13.99 1.65 3.63
C THR B 152 13.95 1.63 3.65
N LEU B 153 13.14 2.57 3.19
CA LEU B 153 12.86 2.73 1.75
C LEU B 153 13.71 3.85 1.22
N VAL B 154 14.46 3.58 0.16
CA VAL B 154 15.44 4.51 -0.34
C VAL B 154 14.77 5.37 -1.40
N GLU B 155 14.39 6.58 -1.00
CA GLU B 155 13.43 7.34 -1.78
C GLU B 155 13.98 7.80 -3.13
N ASP B 156 15.29 7.98 -3.20
CA ASP B 156 15.94 8.43 -4.45
C ASP B 156 16.50 7.26 -5.27
N ALA B 157 16.17 6.04 -4.87
CA ALA B 157 16.51 4.81 -5.58
C ALA B 157 15.21 4.07 -5.96
N SER B 158 14.14 4.82 -6.14
N SER B 158 14.16 4.85 -6.16
N SER B 158 14.16 4.85 -6.18
CA SER B 158 12.81 4.32 -6.49
CA SER B 158 12.84 4.37 -6.47
CA SER B 158 12.84 4.34 -6.52
C SER B 158 12.21 5.38 -7.40
C SER B 158 12.18 5.42 -7.37
C SER B 158 12.19 5.40 -7.39
N ALA B 159 11.19 4.99 -8.16
CA ALA B 159 10.54 5.91 -9.06
C ALA B 159 9.15 5.44 -9.42
N THR B 160 8.40 6.33 -10.02
CA THR B 160 7.08 6.02 -10.51
C THR B 160 6.80 6.82 -11.78
N ARG B 161 5.53 6.86 -12.16
CA ARG B 161 5.10 7.57 -13.38
C ARG B 161 3.88 8.47 -13.11
N ASP B 162 3.57 9.37 -14.06
CA ASP B 162 2.35 10.18 -14.00
C ASP B 162 1.13 9.30 -13.94
N LEU B 163 0.19 9.63 -13.06
CA LEU B 163 -1.11 8.90 -13.00
C LEU B 163 -2.36 9.73 -13.24
N ALA B 164 -3.37 9.12 -13.85
CA ALA B 164 -4.71 9.73 -13.97
C ALA B 164 -5.49 9.72 -12.66
N PHE B 165 -6.23 10.80 -12.39
CA PHE B 165 -7.24 10.80 -11.33
C PHE B 165 -8.49 11.57 -11.81
N LYS B 166 -9.45 11.76 -10.90
CA LYS B 166 -10.74 12.37 -11.28
C LYS B 166 -10.61 13.78 -11.84
N ASP B 167 -9.69 14.54 -11.27
CA ASP B 167 -9.49 15.92 -11.69
C ASP B 167 -8.30 16.13 -12.65
N GLY B 168 -7.82 15.06 -13.28
CA GLY B 168 -6.76 15.20 -14.26
C GLY B 168 -5.61 14.24 -14.21
N VAL B 169 -4.42 14.80 -14.22
CA VAL B 169 -3.20 14.01 -14.18
C VAL B 169 -2.36 14.50 -13.02
N ILE B 170 -1.85 13.55 -12.25
CA ILE B 170 -0.95 13.87 -11.15
C ILE B 170 0.48 13.48 -11.59
N PRO B 171 1.42 14.47 -11.58
CA PRO B 171 2.78 14.17 -12.01
C PRO B 171 3.45 13.12 -11.16
N ALA B 172 4.34 12.37 -11.80
CA ALA B 172 5.13 11.33 -11.12
C ALA B 172 5.77 11.85 -9.82
N ALA B 173 6.32 13.06 -9.86
CA ALA B 173 7.05 13.63 -8.72
C ALA B 173 6.12 13.82 -7.53
N GLN B 174 4.86 14.17 -7.80
N GLN B 174 4.89 14.23 -7.80
CA GLN B 174 3.88 14.38 -6.74
CA GLN B 174 3.87 14.40 -6.77
C GLN B 174 3.42 13.06 -6.18
C GLN B 174 3.42 13.08 -6.20
N ILE B 175 3.13 12.11 -7.04
CA ILE B 175 2.82 10.73 -6.60
C ILE B 175 3.94 10.27 -5.66
N HIS B 176 5.17 10.38 -6.12
CA HIS B 176 6.30 9.84 -5.39
C HIS B 176 6.46 10.51 -4.03
N GLN B 177 6.41 11.84 -3.99
CA GLN B 177 6.53 12.56 -2.74
C GLN B 177 5.42 12.18 -1.75
N CYS B 178 4.18 12.14 -2.25
CA CYS B 178 3.07 11.75 -1.38
C CYS B 178 3.27 10.33 -0.87
N GLU B 179 3.65 9.39 -1.75
CA GLU B 179 3.86 8.05 -1.25
C GLU B 179 5.02 7.97 -0.24
N ALA B 181 5.76 10.33 1.93
CA ALA B 181 5.15 10.85 3.19
C ALA B 181 4.28 9.73 3.84
N VAL B 182 3.50 9.05 3.02
CA VAL B 182 2.67 7.89 3.43
C VAL B 182 3.50 6.76 4.06
N ALA B 184 6.58 7.01 5.26
CA ALA B 184 7.19 7.49 6.52
C ALA B 184 6.19 7.55 7.71
N ASP B 185 4.90 7.69 7.43
CA ASP B 185 3.89 7.78 8.51
C ASP B 185 3.78 6.48 9.30
N ASN B 186 3.84 5.34 8.60
CA ASN B 186 3.46 4.10 9.20
C ASN B 186 4.03 2.80 8.64
N PHE B 187 4.93 2.87 7.66
CA PHE B 187 5.39 1.66 6.97
C PHE B 187 6.88 1.48 6.78
N ALA B 188 7.64 2.57 6.78
CA ALA B 188 9.09 2.49 6.61
C ALA B 188 9.77 3.76 7.08
N CYS B 189 11.02 3.62 7.48
CA CYS B 189 11.94 4.76 7.48
C CYS B 189 12.23 5.12 6.04
N VAL B 190 12.23 6.39 5.71
CA VAL B 190 12.48 6.84 4.34
C VAL B 190 13.76 7.63 4.39
N ALA B 191 14.72 7.25 3.53
CA ALA B 191 16.04 7.82 3.59
C ALA B 191 16.63 7.93 2.19
N PRO B 192 17.51 8.92 1.98
CA PRO B 192 18.26 8.98 0.72
C PRO B 192 19.44 8.02 0.70
N THR B 193 19.82 7.62 -0.53
CA THR B 193 20.90 6.69 -0.77
C THR B 193 22.18 7.10 -0.03
N ALA B 194 22.48 8.39 -0.05
CA ALA B 194 23.74 8.89 0.53
C ALA B 194 23.85 8.58 2.00
N SER B 195 22.73 8.49 2.71
CA SER B 195 22.71 8.22 4.15
C SER B 195 23.04 6.77 4.51
N LEU B 196 23.11 5.89 3.52
CA LEU B 196 23.25 4.43 3.76
C LEU B 196 24.58 3.89 3.29
N ILE B 197 25.23 4.60 2.38
CA ILE B 197 26.42 4.02 1.75
C ILE B 197 27.72 4.56 2.34
#